data_9IL9
#
_entry.id   9IL9
#
_cell.length_a   71.582
_cell.length_b   51.871
_cell.length_c   77.429
_cell.angle_alpha   90
_cell.angle_beta   114.112
_cell.angle_gamma   90
#
_symmetry.space_group_name_H-M   'P 1 21 1'
#
loop_
_entity.id
_entity.type
_entity.pdbx_description
1 polymer beta-lactamase
2 non-polymer (2S,5R)-1-formyl-5-[(sulfooxy)amino]piperidine-2-carboxamide
3 non-polymer DI(HYDROXYETHYL)ETHER
4 non-polymer 'PHOSPHATE ION'
5 non-polymer 'CHLORIDE ION'
6 non-polymer 'TETRAETHYLENE GLYCOL'
7 non-polymer 1,2-ETHANEDIOL
8 water water
#
_entity_poly.entity_id   1
_entity_poly.type   'polypeptide(L)'
_entity_poly.pdbx_seq_one_letter_code
;MGNKSDAAAKQIKKLEEDFDGRIGVFAIDTGSGNTFGYRSDERFPLCSSFKGFLAAAVLERVQQKKLDINQKVKYESRDL
EYHSPITTKYKGSGMTLGDMASAALQYSDNGATNIIMERFLGGPEGMTKFMRSIGDNEFRLDRWELELNTAIPGDKRDTS
TPKAVANSLNKLALGNVLNAKVKAIYQNWLKGNTTGDARIRASVPADWVVGDKTGSCGAYGTANDYAVIWPKNRAPLIVS
IYTTRKSKDDKHSDKTIAEASRIAIQAIDHHHHHH
;
_entity_poly.pdbx_strand_id   A,B
#
# COMPACT_ATOMS: atom_id res chain seq x y z
N ASN A 3 -18.13 0.45 -18.04
CA ASN A 3 -18.98 -0.44 -17.21
C ASN A 3 -18.43 -1.87 -17.32
N LYS A 4 -17.63 -2.23 -18.32
CA LYS A 4 -17.19 -3.64 -18.30
C LYS A 4 -16.17 -3.86 -17.15
N SER A 5 -15.31 -2.84 -16.95
CA SER A 5 -14.41 -2.72 -15.81
C SER A 5 -15.17 -2.85 -14.49
N ASP A 6 -16.30 -2.11 -14.37
CA ASP A 6 -17.19 -2.09 -13.20
C ASP A 6 -17.77 -3.46 -12.88
N ALA A 7 -18.23 -4.21 -13.91
CA ALA A 7 -18.72 -5.57 -13.72
C ALA A 7 -17.57 -6.47 -13.25
N ALA A 8 -16.40 -6.37 -13.90
CA ALA A 8 -15.34 -7.24 -13.46
C ALA A 8 -14.98 -6.91 -12.02
N ALA A 9 -14.95 -5.64 -11.65
CA ALA A 9 -14.64 -5.24 -10.28
C ALA A 9 -15.62 -5.90 -9.29
N LYS A 10 -16.92 -5.97 -9.64
CA LYS A 10 -17.91 -6.49 -8.73
C LYS A 10 -17.61 -7.96 -8.52
N GLN A 11 -17.23 -8.63 -9.61
CA GLN A 11 -16.97 -10.05 -9.53
C GLN A 11 -15.74 -10.33 -8.66
N ILE A 12 -14.66 -9.52 -8.75
CA ILE A 12 -13.46 -9.83 -8.00
C ILE A 12 -13.79 -9.59 -6.53
N LYS A 13 -14.41 -8.41 -6.24
CA LYS A 13 -14.83 -8.03 -4.91
C LYS A 13 -15.62 -9.16 -4.24
N LYS A 14 -16.56 -9.75 -4.99
CA LYS A 14 -17.32 -10.84 -4.41
C LYS A 14 -16.45 -12.08 -4.15
N LEU A 15 -15.54 -12.40 -5.06
CA LEU A 15 -14.70 -13.56 -4.90
C LEU A 15 -13.80 -13.42 -3.66
N GLU A 16 -13.27 -12.18 -3.47
CA GLU A 16 -12.36 -11.96 -2.36
C GLU A 16 -13.13 -12.06 -1.03
N GLU A 17 -14.43 -11.74 -1.07
CA GLU A 17 -15.29 -11.79 0.12
C GLU A 17 -15.71 -13.23 0.42
N ASP A 18 -15.92 -14.01 -0.63
CA ASP A 18 -16.26 -15.42 -0.49
C ASP A 18 -15.23 -16.26 0.26
N PHE A 19 -13.93 -15.95 0.07
CA PHE A 19 -12.88 -16.71 0.77
C PHE A 19 -12.20 -15.88 1.86
N ASP A 20 -12.78 -14.71 2.19
CA ASP A 20 -12.37 -13.90 3.32
C ASP A 20 -10.92 -13.48 3.18
N GLY A 21 -10.65 -12.78 2.06
CA GLY A 21 -9.29 -12.30 1.81
C GLY A 21 -9.27 -11.13 0.85
N ARG A 22 -8.14 -10.96 0.16
CA ARG A 22 -7.92 -9.77 -0.69
C ARG A 22 -7.29 -10.16 -2.03
N ILE A 23 -7.89 -9.71 -3.14
CA ILE A 23 -7.38 -10.07 -4.44
C ILE A 23 -6.89 -8.79 -5.15
N GLY A 24 -5.68 -8.85 -5.71
CA GLY A 24 -5.23 -7.75 -6.55
C GLY A 24 -4.94 -8.23 -7.97
N VAL A 25 -5.40 -7.47 -8.97
CA VAL A 25 -5.35 -7.88 -10.36
C VAL A 25 -4.84 -6.72 -11.24
N PHE A 26 -3.95 -7.01 -12.20
CA PHE A 26 -3.71 -6.17 -13.36
C PHE A 26 -3.52 -7.08 -14.56
N ALA A 27 -4.16 -6.68 -15.68
CA ALA A 27 -4.11 -7.36 -16.97
C ALA A 27 -4.07 -6.30 -18.06
N ILE A 28 -3.25 -6.60 -19.06
CA ILE A 28 -2.99 -5.85 -20.27
C ILE A 28 -3.17 -6.78 -21.47
N ASP A 29 -3.96 -6.31 -22.46
CA ASP A 29 -3.93 -6.81 -23.82
C ASP A 29 -2.92 -6.00 -24.63
N THR A 30 -1.78 -6.60 -25.01
CA THR A 30 -0.72 -5.81 -25.60
C THR A 30 -1.11 -5.36 -27.00
N GLY A 31 -2.11 -6.04 -27.61
CA GLY A 31 -2.58 -5.76 -28.96
C GLY A 31 -3.48 -4.53 -29.11
N SER A 32 -4.06 -4.05 -27.98
CA SER A 32 -4.93 -2.87 -27.95
C SER A 32 -4.44 -1.84 -26.92
N GLY A 33 -3.59 -2.23 -25.95
CA GLY A 33 -3.38 -1.33 -24.82
C GLY A 33 -4.47 -1.36 -23.73
N ASN A 34 -5.54 -2.15 -23.89
CA ASN A 34 -6.59 -2.10 -22.89
C ASN A 34 -6.14 -2.79 -21.62
N THR A 35 -6.59 -2.27 -20.49
CA THR A 35 -6.14 -2.74 -19.19
C THR A 35 -7.35 -2.87 -18.24
N PHE A 36 -7.14 -3.70 -17.19
CA PHE A 36 -8.07 -3.90 -16.09
C PHE A 36 -7.23 -4.06 -14.83
N GLY A 37 -7.65 -3.34 -13.78
CA GLY A 37 -7.04 -3.42 -12.47
C GLY A 37 -8.11 -3.51 -11.37
N TYR A 38 -7.85 -4.30 -10.34
CA TYR A 38 -8.58 -4.14 -9.09
C TYR A 38 -7.54 -4.21 -7.97
N ARG A 39 -7.61 -3.28 -6.99
CA ARG A 39 -6.56 -3.18 -5.99
C ARG A 39 -5.20 -3.12 -6.70
N SER A 40 -5.13 -2.45 -7.87
CA SER A 40 -3.95 -2.62 -8.71
C SER A 40 -2.74 -1.86 -8.17
N ASP A 41 -2.97 -0.90 -7.24
CA ASP A 41 -1.91 -0.10 -6.62
C ASP A 41 -1.68 -0.54 -5.17
N GLU A 42 -2.30 -1.63 -4.70
CA GLU A 42 -2.10 -1.99 -3.29
C GLU A 42 -0.94 -2.98 -3.25
N ARG A 43 -0.31 -3.13 -2.07
CA ARG A 43 0.85 -3.95 -1.82
C ARG A 43 0.43 -5.39 -1.48
N PHE A 44 1.15 -6.37 -2.03
CA PHE A 44 0.99 -7.78 -1.80
C PHE A 44 2.37 -8.39 -1.67
N PRO A 45 2.60 -9.35 -0.74
CA PRO A 45 3.90 -10.02 -0.71
C PRO A 45 4.27 -10.64 -2.07
N LEU A 46 5.55 -10.63 -2.42
CA LEU A 46 5.93 -11.26 -3.68
C LEU A 46 6.04 -12.78 -3.52
N CYS A 47 6.50 -13.23 -2.35
CA CYS A 47 6.87 -14.63 -2.13
C CYS A 47 7.82 -15.03 -3.26
N SER A 48 7.67 -16.28 -3.78
CA SER A 48 8.56 -16.82 -4.80
C SER A 48 8.47 -16.06 -6.13
N SER A 49 7.45 -15.17 -6.31
CA SER A 49 7.23 -14.61 -7.65
C SER A 49 8.42 -13.74 -8.08
N PHE A 50 9.22 -13.27 -7.12
CA PHE A 50 10.24 -12.28 -7.45
C PHE A 50 11.35 -13.01 -8.20
N LYS A 51 11.34 -14.36 -8.05
CA LYS A 51 12.39 -15.19 -8.64
C LYS A 51 12.32 -15.08 -10.16
N GLY A 52 11.14 -14.78 -10.68
CA GLY A 52 11.05 -14.58 -12.12
C GLY A 52 11.80 -13.33 -12.56
N PHE A 53 11.85 -12.31 -11.70
CA PHE A 53 12.56 -11.09 -11.99
C PHE A 53 14.05 -11.30 -11.74
N LEU A 54 14.37 -12.18 -10.79
CA LEU A 54 15.75 -12.45 -10.44
C LEU A 54 16.47 -13.15 -11.58
N ALA A 55 15.74 -13.99 -12.29
CA ALA A 55 16.24 -14.61 -13.50
C ALA A 55 16.43 -13.59 -14.63
N ALA A 56 15.56 -12.56 -14.69
CA ALA A 56 15.68 -11.53 -15.73
C ALA A 56 16.95 -10.75 -15.48
N ALA A 57 17.21 -10.40 -14.19
CA ALA A 57 18.40 -9.70 -13.76
C ALA A 57 19.67 -10.46 -14.10
N VAL A 58 19.70 -11.78 -13.93
CA VAL A 58 20.86 -12.53 -14.32
C VAL A 58 21.07 -12.36 -15.83
N LEU A 59 19.97 -12.45 -16.58
CA LEU A 59 20.13 -12.40 -18.04
C LEU A 59 20.60 -11.03 -18.49
N GLU A 60 20.17 -9.97 -17.82
CA GLU A 60 20.70 -8.67 -18.10
C GLU A 60 22.20 -8.65 -17.83
N ARG A 61 22.63 -9.24 -16.71
CA ARG A 61 24.06 -9.26 -16.37
C ARG A 61 24.89 -9.96 -17.47
N VAL A 62 24.37 -11.13 -17.95
CA VAL A 62 24.93 -11.90 -19.06
C VAL A 62 25.04 -11.02 -20.31
N GLN A 63 23.94 -10.31 -20.59
CA GLN A 63 23.84 -9.54 -21.81
C GLN A 63 24.93 -8.47 -21.80
N GLN A 64 25.21 -7.88 -20.62
CA GLN A 64 26.15 -6.80 -20.41
C GLN A 64 27.59 -7.31 -20.38
N LYS A 65 27.77 -8.66 -20.43
CA LYS A 65 29.06 -9.35 -20.41
C LYS A 65 29.72 -9.20 -19.03
N LYS A 66 28.93 -8.82 -18.02
CA LYS A 66 29.34 -8.85 -16.63
C LYS A 66 29.48 -10.30 -16.13
N LEU A 67 28.59 -11.18 -16.61
CA LEU A 67 28.60 -12.60 -16.28
C LEU A 67 28.51 -13.35 -17.60
N ASP A 68 28.87 -14.64 -17.55
CA ASP A 68 28.77 -15.56 -18.66
C ASP A 68 27.69 -16.59 -18.33
N ILE A 69 26.80 -16.96 -19.28
CA ILE A 69 25.69 -17.86 -18.96
C ILE A 69 26.14 -19.28 -18.60
N ASN A 70 27.35 -19.69 -18.98
CA ASN A 70 27.78 -21.04 -18.78
C ASN A 70 28.88 -21.13 -17.72
N GLN A 71 29.24 -20.01 -17.07
CA GLN A 71 30.19 -20.09 -15.99
C GLN A 71 29.69 -21.06 -14.91
N LYS A 72 30.60 -21.93 -14.44
CA LYS A 72 30.35 -22.90 -13.39
C LYS A 72 30.10 -22.18 -12.05
N VAL A 73 28.96 -22.45 -11.41
CA VAL A 73 28.70 -21.94 -10.07
C VAL A 73 28.84 -23.12 -9.10
N LYS A 74 29.73 -23.02 -8.08
CA LYS A 74 30.11 -24.09 -7.17
C LYS A 74 29.69 -23.69 -5.75
N TYR A 75 29.33 -24.69 -4.92
CA TYR A 75 28.64 -24.52 -3.65
C TYR A 75 28.65 -25.85 -2.86
N GLU A 76 29.78 -26.57 -2.94
CA GLU A 76 29.85 -27.94 -2.51
C GLU A 76 29.78 -27.97 -0.99
N SER A 77 30.06 -26.87 -0.29
CA SER A 77 30.10 -26.90 1.18
C SER A 77 28.86 -26.23 1.75
N ARG A 78 27.91 -25.78 0.91
CA ARG A 78 26.89 -24.88 1.43
C ARG A 78 25.74 -25.68 2.05
N ASP A 79 25.11 -25.16 3.11
CA ASP A 79 23.89 -25.77 3.62
C ASP A 79 22.74 -25.21 2.81
N LEU A 80 22.19 -26.01 1.91
CA LEU A 80 21.11 -25.53 1.09
C LEU A 80 19.88 -25.22 1.94
N GLU A 81 19.31 -24.02 1.72
CA GLU A 81 17.97 -23.68 2.16
C GLU A 81 17.00 -24.84 1.83
N TYR A 82 16.00 -25.07 2.70
CA TYR A 82 14.75 -25.80 2.41
C TYR A 82 14.17 -25.33 1.08
N HIS A 83 13.60 -26.31 0.36
CA HIS A 83 13.08 -26.22 -0.98
C HIS A 83 14.19 -25.78 -1.95
N SER A 84 15.20 -26.66 -2.08
CA SER A 84 16.23 -26.53 -3.11
C SER A 84 16.29 -27.86 -3.85
N PRO A 85 15.19 -28.26 -4.55
CA PRO A 85 15.17 -29.56 -5.21
C PRO A 85 16.26 -29.65 -6.29
N ILE A 86 16.45 -28.53 -7.05
CA ILE A 86 17.44 -28.57 -8.14
C ILE A 86 18.87 -28.39 -7.62
N THR A 87 19.16 -27.34 -6.85
CA THR A 87 20.54 -27.22 -6.41
C THR A 87 20.99 -28.43 -5.57
N THR A 88 20.04 -29.15 -4.93
CA THR A 88 20.53 -30.26 -4.13
C THR A 88 20.99 -31.39 -5.05
N LYS A 89 20.43 -31.48 -6.25
CA LYS A 89 20.92 -32.58 -7.07
C LYS A 89 22.32 -32.26 -7.63
N TYR A 90 22.76 -31.00 -7.66
CA TYR A 90 24.02 -30.77 -8.34
C TYR A 90 25.07 -30.22 -7.39
N LYS A 91 24.90 -30.46 -6.09
CA LYS A 91 25.82 -29.90 -5.11
C LYS A 91 27.30 -30.29 -5.32
N GLY A 92 27.56 -31.59 -5.60
CA GLY A 92 28.88 -32.14 -5.85
C GLY A 92 29.60 -31.47 -7.03
N SER A 93 28.88 -31.25 -8.13
CA SER A 93 29.47 -30.88 -9.40
C SER A 93 29.35 -29.35 -9.69
N GLY A 94 28.47 -28.61 -9.00
CA GLY A 94 28.15 -27.24 -9.39
C GLY A 94 27.14 -27.20 -10.54
N MET A 95 26.65 -26.02 -10.87
CA MET A 95 25.73 -25.84 -11.99
C MET A 95 26.20 -24.64 -12.85
N THR A 96 25.79 -24.60 -14.12
CA THR A 96 26.01 -23.37 -14.87
C THR A 96 25.10 -22.28 -14.30
N LEU A 97 25.51 -21.02 -14.52
CA LEU A 97 24.77 -19.87 -14.04
C LEU A 97 23.39 -19.85 -14.68
N GLY A 98 23.33 -20.16 -15.99
CA GLY A 98 22.03 -20.19 -16.63
C GLY A 98 21.14 -21.29 -16.04
N ASP A 99 21.72 -22.47 -15.75
CA ASP A 99 20.92 -23.56 -15.22
C ASP A 99 20.42 -23.18 -13.83
N MET A 100 21.24 -22.38 -13.13
CA MET A 100 20.90 -22.06 -11.75
C MET A 100 19.70 -21.14 -11.72
N ALA A 101 19.70 -20.20 -12.66
CA ALA A 101 18.75 -19.10 -12.66
C ALA A 101 17.40 -19.66 -13.08
N SER A 102 17.46 -20.62 -14.01
CA SER A 102 16.25 -21.23 -14.51
C SER A 102 15.61 -22.15 -13.48
N ALA A 103 16.43 -22.90 -12.70
CA ALA A 103 15.96 -23.59 -11.50
C ALA A 103 15.27 -22.60 -10.56
N ALA A 104 15.86 -21.39 -10.34
CA ALA A 104 15.26 -20.47 -9.38
C ALA A 104 13.88 -20.05 -9.90
N LEU A 105 13.76 -19.96 -11.21
CA LEU A 105 12.48 -19.59 -11.83
C LEU A 105 11.50 -20.78 -11.92
N GLN A 106 11.89 -21.86 -12.60
CA GLN A 106 10.94 -22.93 -12.92
C GLN A 106 10.64 -23.92 -11.76
N TYR A 107 11.51 -24.01 -10.76
CA TYR A 107 11.23 -24.85 -9.61
C TYR A 107 11.22 -24.07 -8.29
N SER A 108 11.41 -22.73 -8.35
CA SER A 108 11.42 -21.86 -7.17
C SER A 108 12.55 -22.18 -6.23
N ASP A 109 13.66 -22.68 -6.76
CA ASP A 109 14.70 -23.27 -5.94
C ASP A 109 15.28 -22.21 -5.01
N ASN A 110 15.26 -22.43 -3.68
CA ASN A 110 15.68 -21.39 -2.74
C ASN A 110 17.21 -21.30 -2.65
N GLY A 111 17.92 -22.43 -2.69
CA GLY A 111 19.36 -22.33 -2.71
C GLY A 111 19.80 -21.48 -3.91
N ALA A 112 19.17 -21.76 -5.08
CA ALA A 112 19.57 -21.09 -6.32
C ALA A 112 19.40 -19.60 -6.15
N THR A 113 18.29 -19.20 -5.49
CA THR A 113 17.94 -17.82 -5.29
C THR A 113 18.98 -17.13 -4.41
N ASN A 114 19.19 -17.70 -3.21
CA ASN A 114 20.15 -17.16 -2.26
C ASN A 114 21.54 -17.07 -2.89
N ILE A 115 21.98 -18.13 -3.59
CA ILE A 115 23.32 -18.09 -4.13
C ILE A 115 23.45 -16.91 -5.12
N ILE A 116 22.51 -16.83 -6.06
CA ILE A 116 22.55 -15.77 -7.05
C ILE A 116 22.51 -14.38 -6.42
N MET A 117 21.75 -14.15 -5.33
CA MET A 117 21.69 -12.80 -4.77
C MET A 117 22.98 -12.49 -4.01
N GLU A 118 23.58 -13.52 -3.41
CA GLU A 118 24.76 -13.30 -2.64
C GLU A 118 25.92 -12.95 -3.57
N ARG A 119 26.02 -13.56 -4.77
CA ARG A 119 27.28 -13.58 -5.50
C ARG A 119 27.21 -12.70 -6.74
N PHE A 120 26.02 -12.40 -7.29
CA PHE A 120 25.98 -11.79 -8.62
C PHE A 120 25.08 -10.56 -8.64
N LEU A 121 24.14 -10.45 -7.70
CA LEU A 121 23.10 -9.42 -7.81
C LEU A 121 23.15 -8.38 -6.70
N GLY A 122 24.09 -8.48 -5.73
CA GLY A 122 24.17 -7.58 -4.57
C GLY A 122 22.99 -7.64 -3.59
N GLY A 123 22.47 -8.85 -3.30
CA GLY A 123 21.50 -9.13 -2.25
C GLY A 123 20.13 -8.54 -2.57
N PRO A 124 19.22 -8.50 -1.60
CA PRO A 124 17.96 -7.81 -1.79
C PRO A 124 18.04 -6.35 -2.25
N GLU A 125 18.99 -5.55 -1.74
CA GLU A 125 19.09 -4.20 -2.32
C GLU A 125 19.41 -4.14 -3.82
N GLY A 126 20.39 -4.93 -4.31
CA GLY A 126 20.70 -5.07 -5.72
C GLY A 126 19.53 -5.60 -6.56
N MET A 127 18.74 -6.55 -6.01
CA MET A 127 17.56 -7.01 -6.72
C MET A 127 16.61 -5.81 -6.92
N THR A 128 16.48 -4.98 -5.88
CA THR A 128 15.60 -3.83 -5.93
C THR A 128 16.16 -2.81 -6.94
N LYS A 129 17.48 -2.62 -6.88
CA LYS A 129 18.17 -1.72 -7.82
C LYS A 129 17.83 -2.08 -9.26
N PHE A 130 17.91 -3.38 -9.62
CA PHE A 130 17.61 -3.77 -10.99
C PHE A 130 16.17 -3.40 -11.37
N MET A 131 15.26 -3.53 -10.41
CA MET A 131 13.88 -3.26 -10.72
C MET A 131 13.70 -1.75 -10.95
N ARG A 132 14.29 -0.91 -10.09
CA ARG A 132 14.29 0.53 -10.30
C ARG A 132 14.88 0.88 -11.66
N SER A 133 15.91 0.13 -12.08
CA SER A 133 16.58 0.46 -13.33
C SER A 133 15.69 0.08 -14.52
N ILE A 134 14.61 -0.72 -14.35
CA ILE A 134 13.76 -0.86 -15.54
C ILE A 134 12.56 0.06 -15.37
N GLY A 135 12.57 0.91 -14.35
CA GLY A 135 11.46 1.88 -14.18
C GLY A 135 10.36 1.33 -13.26
N ASP A 136 10.67 0.33 -12.43
CA ASP A 136 9.70 -0.21 -11.46
C ASP A 136 10.00 0.44 -10.13
N ASN A 137 9.07 1.27 -9.63
CA ASN A 137 9.27 2.03 -8.41
C ASN A 137 8.53 1.41 -7.23
N GLU A 138 7.71 0.35 -7.47
CA GLU A 138 6.86 -0.15 -6.41
C GLU A 138 7.56 -1.31 -5.76
N PHE A 139 8.19 -2.19 -6.58
CA PHE A 139 8.84 -3.39 -6.09
C PHE A 139 9.87 -3.12 -4.97
N ARG A 140 9.82 -3.91 -3.88
CA ARG A 140 10.96 -3.90 -2.96
C ARG A 140 11.17 -5.30 -2.39
N LEU A 141 12.45 -5.70 -2.40
CA LEU A 141 12.87 -6.86 -1.66
C LEU A 141 13.80 -6.41 -0.52
N ASP A 142 13.49 -6.88 0.70
CA ASP A 142 14.06 -6.36 1.94
C ASP A 142 14.87 -7.47 2.61
N ARG A 143 14.48 -8.75 2.41
CA ARG A 143 15.08 -9.87 3.12
C ARG A 143 15.50 -10.97 2.16
N TRP A 144 16.22 -11.97 2.70
CA TRP A 144 16.63 -13.15 1.96
C TRP A 144 15.63 -14.31 2.09
N GLU A 145 15.86 -15.36 1.31
CA GLU A 145 15.03 -16.56 1.46
C GLU A 145 15.44 -17.21 2.77
N LEU A 146 14.54 -17.17 3.76
CA LEU A 146 13.23 -17.81 3.62
C LEU A 146 12.31 -16.80 4.28
N GLU A 147 12.97 -15.94 5.07
CA GLU A 147 12.36 -14.84 5.81
CA GLU A 147 12.29 -14.89 5.83
C GLU A 147 11.51 -13.91 4.92
N LEU A 148 11.76 -13.85 3.60
CA LEU A 148 11.00 -12.88 2.81
C LEU A 148 9.54 -13.31 2.73
N ASN A 149 9.25 -14.56 3.19
CA ASN A 149 7.96 -15.25 2.99
C ASN A 149 6.96 -15.03 4.13
N THR A 150 7.28 -14.21 5.14
CA THR A 150 6.41 -14.28 6.32
C THR A 150 5.01 -13.71 6.04
N ALA A 151 4.80 -12.81 5.08
CA ALA A 151 3.48 -12.34 4.62
C ALA A 151 2.61 -11.83 5.78
N ILE A 152 3.25 -11.24 6.78
CA ILE A 152 2.60 -10.56 7.88
C ILE A 152 1.67 -9.44 7.38
N PRO A 153 0.37 -9.46 7.77
CA PRO A 153 -0.56 -8.39 7.34
C PRO A 153 -0.07 -7.00 7.76
N GLY A 154 -0.11 -6.04 6.82
CA GLY A 154 0.35 -4.68 7.08
C GLY A 154 1.87 -4.55 6.88
N ASP A 155 2.60 -5.63 6.72
CA ASP A 155 4.04 -5.45 6.52
C ASP A 155 4.26 -5.00 5.07
N LYS A 156 5.15 -4.02 4.82
CA LYS A 156 5.38 -3.64 3.42
C LYS A 156 6.68 -4.23 2.89
N ARG A 157 7.47 -4.89 3.72
CA ARG A 157 8.65 -5.57 3.22
C ARG A 157 8.28 -6.62 2.16
N ASP A 158 9.11 -6.70 1.11
CA ASP A 158 9.04 -7.82 0.18
C ASP A 158 7.70 -7.83 -0.54
N THR A 159 7.24 -6.61 -0.90
CA THR A 159 5.97 -6.46 -1.56
C THR A 159 6.14 -5.74 -2.89
N SER A 160 5.07 -5.80 -3.70
CA SER A 160 4.97 -4.95 -4.87
C SER A 160 3.48 -4.74 -5.07
N THR A 161 3.06 -4.26 -6.25
CA THR A 161 1.65 -4.06 -6.59
C THR A 161 1.35 -4.89 -7.84
N PRO A 162 0.11 -5.33 -8.05
CA PRO A 162 -0.21 -6.11 -9.27
C PRO A 162 0.18 -5.36 -10.56
N LYS A 163 -0.14 -4.07 -10.61
CA LYS A 163 0.11 -3.24 -11.79
C LYS A 163 1.60 -3.20 -12.09
N ALA A 164 2.41 -2.97 -11.04
CA ALA A 164 3.84 -2.77 -11.26
C ALA A 164 4.47 -4.10 -11.71
N VAL A 165 3.98 -5.21 -11.15
CA VAL A 165 4.54 -6.51 -11.52
C VAL A 165 4.22 -6.78 -13.01
N ALA A 166 2.96 -6.52 -13.43
CA ALA A 166 2.47 -6.66 -14.81
C ALA A 166 3.29 -5.76 -15.76
N ASN A 167 3.50 -4.48 -15.37
CA ASN A 167 4.29 -3.57 -16.22
C ASN A 167 5.70 -4.09 -16.37
N SER A 168 6.29 -4.53 -15.27
CA SER A 168 7.64 -5.07 -15.28
C SER A 168 7.75 -6.34 -16.10
N LEU A 169 6.86 -7.32 -15.92
CA LEU A 169 6.89 -8.48 -16.80
C LEU A 169 6.69 -8.05 -18.28
N ASN A 170 5.82 -7.06 -18.55
CA ASN A 170 5.68 -6.58 -19.93
C ASN A 170 7.07 -6.20 -20.47
N LYS A 171 7.73 -5.27 -19.73
CA LYS A 171 9.04 -4.77 -20.11
C LYS A 171 10.03 -5.89 -20.31
N LEU A 172 10.02 -6.93 -19.48
CA LEU A 172 11.07 -7.94 -19.50
C LEU A 172 10.80 -8.99 -20.54
N ALA A 173 9.59 -9.56 -20.53
CA ALA A 173 9.24 -10.65 -21.43
C ALA A 173 8.93 -10.19 -22.86
N LEU A 174 8.47 -8.93 -23.08
CA LEU A 174 7.97 -8.50 -24.39
C LEU A 174 8.74 -7.26 -24.88
N GLY A 175 9.27 -6.45 -23.95
CA GLY A 175 9.80 -5.13 -24.28
C GLY A 175 11.28 -5.25 -24.62
N ASN A 176 12.06 -4.24 -24.29
CA ASN A 176 13.39 -4.19 -24.88
C ASN A 176 14.47 -4.14 -23.81
N VAL A 177 14.18 -4.48 -22.55
CA VAL A 177 15.26 -4.55 -21.59
C VAL A 177 16.31 -5.56 -22.06
N LEU A 178 15.85 -6.76 -22.51
CA LEU A 178 16.74 -7.84 -22.95
C LEU A 178 16.76 -7.84 -24.48
N ASN A 179 17.89 -8.22 -25.10
CA ASN A 179 17.99 -8.14 -26.56
C ASN A 179 17.24 -9.35 -27.11
N ALA A 180 17.11 -9.45 -28.44
CA ALA A 180 16.15 -10.40 -29.01
C ALA A 180 16.55 -11.82 -28.61
N LYS A 181 17.88 -12.01 -28.52
CA LYS A 181 18.51 -13.31 -28.23
C LYS A 181 18.17 -13.77 -26.80
N VAL A 182 18.52 -12.89 -25.85
CA VAL A 182 18.50 -13.15 -24.43
C VAL A 182 17.05 -13.11 -23.98
N LYS A 183 16.20 -12.27 -24.61
CA LYS A 183 14.77 -12.30 -24.31
C LYS A 183 14.15 -13.66 -24.67
N ALA A 184 14.48 -14.20 -25.86
CA ALA A 184 13.97 -15.51 -26.21
C ALA A 184 14.32 -16.48 -25.08
N ILE A 185 15.49 -16.37 -24.46
CA ILE A 185 15.81 -17.39 -23.46
C ILE A 185 14.87 -17.22 -22.27
N TYR A 186 14.64 -15.97 -21.85
CA TYR A 186 13.80 -15.68 -20.71
C TYR A 186 12.41 -16.28 -20.99
N GLN A 187 11.89 -16.04 -22.21
CA GLN A 187 10.56 -16.51 -22.58
C GLN A 187 10.50 -18.03 -22.40
N ASN A 188 11.47 -18.75 -22.98
CA ASN A 188 11.57 -20.19 -22.82
C ASN A 188 11.55 -20.61 -21.35
N TRP A 189 12.32 -19.92 -20.47
CA TRP A 189 12.35 -20.23 -19.05
C TRP A 189 10.94 -20.13 -18.45
N LEU A 190 10.29 -19.01 -18.75
CA LEU A 190 8.94 -18.73 -18.35
C LEU A 190 8.01 -19.82 -18.82
N LYS A 191 8.10 -20.25 -20.12
CA LYS A 191 7.16 -21.14 -20.76
C LYS A 191 7.29 -22.49 -20.07
N GLY A 192 8.50 -22.84 -19.57
CA GLY A 192 8.70 -24.13 -18.94
C GLY A 192 8.62 -24.09 -17.41
N ASN A 193 7.89 -23.12 -16.83
CA ASN A 193 7.66 -23.10 -15.38
C ASN A 193 6.84 -24.34 -14.96
N THR A 194 7.12 -24.91 -13.76
CA THR A 194 6.56 -26.22 -13.44
C THR A 194 5.50 -26.14 -12.36
N THR A 195 5.30 -24.94 -11.77
CA THR A 195 4.52 -24.75 -10.55
C THR A 195 3.14 -24.14 -10.82
N GLY A 196 2.74 -23.89 -12.07
CA GLY A 196 1.68 -22.91 -12.21
C GLY A 196 0.40 -23.50 -12.77
N ASP A 197 0.34 -24.87 -12.81
CA ASP A 197 -0.71 -25.53 -13.58
C ASP A 197 -2.12 -25.25 -13.05
N ALA A 198 -2.27 -24.87 -11.77
CA ALA A 198 -3.63 -24.72 -11.26
C ALA A 198 -3.99 -23.24 -11.17
N ARG A 199 -3.14 -22.38 -11.80
CA ARG A 199 -3.32 -20.94 -11.61
C ARG A 199 -3.75 -20.30 -12.92
N ILE A 200 -2.98 -19.28 -13.41
CA ILE A 200 -3.36 -18.55 -14.62
C ILE A 200 -3.51 -19.52 -15.78
N ARG A 201 -2.60 -20.51 -15.83
CA ARG A 201 -2.64 -21.59 -16.82
C ARG A 201 -4.01 -22.24 -16.85
N ALA A 202 -4.66 -22.44 -15.72
CA ALA A 202 -5.89 -23.20 -15.76
C ALA A 202 -7.00 -22.25 -16.18
N SER A 203 -6.71 -20.97 -16.36
CA SER A 203 -7.78 -20.04 -16.72
C SER A 203 -7.90 -19.83 -18.25
N VAL A 204 -7.18 -20.60 -19.09
CA VAL A 204 -7.09 -20.28 -20.51
C VAL A 204 -7.11 -21.58 -21.29
N PRO A 205 -7.52 -21.60 -22.57
CA PRO A 205 -7.44 -22.84 -23.36
C PRO A 205 -6.08 -23.54 -23.37
N ALA A 206 -6.10 -24.87 -23.43
CA ALA A 206 -4.89 -25.67 -23.50
C ALA A 206 -4.03 -25.33 -24.73
N ASP A 207 -4.60 -24.69 -25.77
CA ASP A 207 -3.74 -24.40 -26.90
C ASP A 207 -3.14 -22.99 -26.83
N TRP A 208 -3.43 -22.22 -25.78
CA TRP A 208 -2.70 -20.98 -25.61
C TRP A 208 -1.35 -21.24 -24.94
N VAL A 209 -0.33 -20.52 -25.40
CA VAL A 209 1.00 -20.72 -24.85
C VAL A 209 1.14 -19.75 -23.68
N VAL A 210 1.65 -20.25 -22.52
CA VAL A 210 1.74 -19.41 -21.32
C VAL A 210 3.11 -19.55 -20.69
N GLY A 211 3.70 -18.41 -20.27
CA GLY A 211 4.85 -18.42 -19.38
C GLY A 211 4.43 -17.70 -18.10
N ASP A 212 4.77 -18.28 -16.93
CA ASP A 212 4.29 -17.72 -15.66
C ASP A 212 5.37 -17.90 -14.60
N LYS A 213 5.16 -17.24 -13.44
CA LYS A 213 5.87 -17.54 -12.21
C LYS A 213 4.90 -17.31 -11.06
N THR A 214 4.80 -18.34 -10.19
CA THR A 214 3.92 -18.39 -9.01
C THR A 214 4.69 -17.98 -7.76
N GLY A 215 3.94 -17.67 -6.70
CA GLY A 215 4.51 -17.46 -5.38
C GLY A 215 3.57 -18.09 -4.35
N SER A 216 4.12 -18.80 -3.34
CA SER A 216 3.31 -19.38 -2.24
C SER A 216 3.99 -19.19 -0.89
N CYS A 217 3.71 -18.05 -0.26
CA CYS A 217 4.45 -17.68 0.93
C CYS A 217 4.34 -18.84 1.94
N GLY A 218 3.13 -19.43 2.09
CA GLY A 218 2.88 -20.53 3.00
C GLY A 218 2.39 -20.00 4.34
N ALA A 219 1.99 -18.72 4.36
CA ALA A 219 1.40 -18.15 5.55
C ALA A 219 0.31 -17.16 5.11
N TYR A 220 -0.77 -17.01 5.90
CA TYR A 220 -1.77 -16.00 5.57
C TYR A 220 -2.47 -16.25 4.24
N GLY A 221 -2.56 -17.53 3.84
CA GLY A 221 -3.24 -17.81 2.58
C GLY A 221 -2.64 -17.02 1.42
N THR A 222 -1.32 -16.66 1.46
CA THR A 222 -0.75 -15.68 0.51
C THR A 222 -0.12 -16.37 -0.70
N ALA A 223 -0.60 -16.02 -1.88
CA ALA A 223 -0.16 -16.72 -3.07
C ALA A 223 -0.45 -15.88 -4.29
N ASN A 224 0.26 -16.12 -5.40
CA ASN A 224 0.18 -15.22 -6.53
C ASN A 224 0.66 -15.94 -7.78
N ASP A 225 0.46 -15.23 -8.91
CA ASP A 225 0.94 -15.71 -10.21
C ASP A 225 0.91 -14.53 -11.17
N TYR A 226 1.92 -14.50 -12.06
CA TYR A 226 2.00 -13.57 -13.19
C TYR A 226 2.43 -14.36 -14.42
N ALA A 227 1.94 -13.92 -15.58
CA ALA A 227 2.01 -14.71 -16.80
C ALA A 227 2.03 -13.74 -18.00
N VAL A 228 2.79 -14.11 -19.06
CA VAL A 228 2.58 -13.77 -20.46
C VAL A 228 1.79 -14.91 -21.10
N ILE A 229 0.71 -14.55 -21.81
CA ILE A 229 -0.13 -15.48 -22.56
C ILE A 229 -0.10 -15.05 -24.01
N TRP A 230 0.34 -15.99 -24.88
CA TRP A 230 0.24 -15.88 -26.33
C TRP A 230 -1.02 -16.62 -26.82
N PRO A 231 -2.19 -15.96 -26.97
CA PRO A 231 -3.41 -16.65 -27.40
C PRO A 231 -3.17 -17.02 -28.86
N LYS A 232 -3.85 -18.04 -29.35
CA LYS A 232 -3.69 -18.39 -30.75
C LYS A 232 -4.19 -17.20 -31.59
N ASN A 233 -3.42 -16.81 -32.62
CA ASN A 233 -3.77 -15.76 -33.60
C ASN A 233 -4.11 -14.42 -32.96
N ARG A 234 -3.33 -14.00 -31.95
CA ARG A 234 -3.66 -12.77 -31.24
C ARG A 234 -2.41 -12.29 -30.52
N ALA A 235 -2.38 -11.00 -30.18
CA ALA A 235 -1.16 -10.45 -29.62
C ALA A 235 -1.17 -10.87 -28.15
N PRO A 236 0.01 -10.89 -27.50
CA PRO A 236 0.13 -11.46 -26.13
C PRO A 236 -0.68 -10.71 -25.05
N LEU A 237 -1.16 -11.40 -24.00
CA LEU A 237 -1.75 -10.76 -22.82
C LEU A 237 -0.72 -10.72 -21.69
N ILE A 238 -0.87 -9.83 -20.69
CA ILE A 238 -0.13 -9.89 -19.43
C ILE A 238 -1.20 -10.02 -18.34
N VAL A 239 -1.03 -10.97 -17.41
CA VAL A 239 -1.92 -11.14 -16.26
C VAL A 239 -1.05 -11.25 -15.00
N SER A 240 -1.46 -10.49 -13.98
CA SER A 240 -0.84 -10.42 -12.68
C SER A 240 -1.91 -10.58 -11.59
N ILE A 241 -1.82 -11.59 -10.72
CA ILE A 241 -2.86 -11.90 -9.71
C ILE A 241 -2.20 -12.13 -8.35
N TYR A 242 -2.54 -11.36 -7.32
CA TYR A 242 -1.95 -11.46 -6.00
C TYR A 242 -3.12 -11.67 -5.03
N THR A 243 -2.92 -12.50 -3.98
CA THR A 243 -3.93 -12.72 -2.96
C THR A 243 -3.25 -12.81 -1.59
N THR A 244 -3.98 -12.32 -0.59
CA THR A 244 -3.79 -12.61 0.81
C THR A 244 -5.12 -13.09 1.43
N ARG A 245 -5.02 -13.78 2.59
CA ARG A 245 -6.17 -14.16 3.39
C ARG A 245 -6.03 -13.57 4.78
N LYS A 246 -7.15 -13.48 5.52
CA LYS A 246 -7.26 -12.79 6.81
C LYS A 246 -6.36 -13.45 7.85
N SER A 247 -6.31 -14.81 7.92
CA SER A 247 -5.72 -15.51 9.06
C SER A 247 -4.45 -16.30 8.71
N LYS A 248 -3.57 -16.35 9.72
CA LYS A 248 -2.28 -16.99 9.61
C LYS A 248 -2.36 -18.40 9.04
N ASP A 249 -3.27 -19.25 9.53
CA ASP A 249 -3.25 -20.65 9.11
C ASP A 249 -4.06 -20.87 7.82
N ASP A 250 -4.66 -19.81 7.28
CA ASP A 250 -5.45 -20.00 6.07
C ASP A 250 -4.51 -20.55 5.00
N LYS A 251 -5.03 -21.44 4.16
CA LYS A 251 -4.29 -21.98 3.03
C LYS A 251 -4.55 -21.08 1.82
N HIS A 252 -3.60 -21.03 0.87
CA HIS A 252 -3.84 -20.32 -0.39
C HIS A 252 -4.94 -21.00 -1.22
N SER A 253 -5.52 -20.26 -2.19
CA SER A 253 -6.56 -20.84 -2.99
C SER A 253 -6.18 -20.72 -4.47
N ASP A 254 -5.63 -21.78 -5.04
CA ASP A 254 -5.38 -21.90 -6.48
C ASP A 254 -6.64 -21.56 -7.24
N LYS A 255 -7.80 -21.94 -6.70
CA LYS A 255 -8.97 -21.81 -7.54
C LYS A 255 -9.40 -20.35 -7.65
N THR A 256 -9.16 -19.57 -6.58
CA THR A 256 -9.47 -18.15 -6.58
C THR A 256 -8.54 -17.42 -7.56
N ILE A 257 -7.27 -17.85 -7.67
CA ILE A 257 -6.32 -17.17 -8.55
C ILE A 257 -6.78 -17.38 -10.00
N ALA A 258 -7.07 -18.64 -10.34
CA ALA A 258 -7.49 -19.07 -11.67
C ALA A 258 -8.75 -18.30 -12.08
N GLU A 259 -9.70 -18.23 -11.14
CA GLU A 259 -10.93 -17.51 -11.38
C GLU A 259 -10.64 -16.02 -11.53
N ALA A 260 -9.81 -15.47 -10.66
CA ALA A 260 -9.55 -14.04 -10.81
C ALA A 260 -8.91 -13.73 -12.19
N SER A 261 -8.09 -14.67 -12.69
CA SER A 261 -7.47 -14.53 -14.01
C SER A 261 -8.54 -14.68 -15.08
N ARG A 262 -9.48 -15.62 -14.93
CA ARG A 262 -10.52 -15.74 -15.93
CA ARG A 262 -10.50 -15.72 -15.95
C ARG A 262 -11.24 -14.39 -16.02
N ILE A 263 -11.61 -13.79 -14.87
CA ILE A 263 -12.38 -12.54 -14.89
C ILE A 263 -11.59 -11.39 -15.55
N ALA A 264 -10.32 -11.19 -15.10
CA ALA A 264 -9.43 -10.18 -15.63
C ALA A 264 -9.26 -10.31 -17.16
N ILE A 265 -9.16 -11.55 -17.68
CA ILE A 265 -8.94 -11.78 -19.10
C ILE A 265 -10.24 -11.50 -19.83
N GLN A 266 -11.39 -11.65 -19.20
CA GLN A 266 -12.57 -11.23 -19.95
C GLN A 266 -12.70 -9.71 -19.93
N ALA A 267 -12.24 -9.08 -18.83
CA ALA A 267 -12.40 -7.64 -18.66
C ALA A 267 -11.67 -6.83 -19.74
N ILE A 268 -10.56 -7.35 -20.29
CA ILE A 268 -9.79 -6.72 -21.34
C ILE A 268 -10.08 -7.37 -22.70
N ASP A 269 -11.12 -8.21 -22.85
CA ASP A 269 -11.52 -8.81 -24.10
C ASP A 269 -12.12 -7.73 -25.01
N ASN B 3 -30.03 28.79 1.65
CA ASN B 3 -31.08 28.07 2.43
C ASN B 3 -30.69 26.60 2.62
N LYS B 4 -30.03 25.99 1.60
CA LYS B 4 -29.47 24.64 1.67
C LYS B 4 -28.52 24.54 2.87
N SER B 5 -27.72 25.60 3.04
CA SER B 5 -26.71 25.76 4.08
C SER B 5 -27.34 25.84 5.48
N ASP B 6 -28.41 26.65 5.61
CA ASP B 6 -29.16 26.82 6.85
C ASP B 6 -29.86 25.53 7.26
N ALA B 7 -30.31 24.70 6.30
CA ALA B 7 -30.91 23.42 6.68
C ALA B 7 -29.84 22.48 7.20
N ALA B 8 -28.63 22.51 6.61
CA ALA B 8 -27.66 21.57 7.11
C ALA B 8 -27.24 22.07 8.47
N ALA B 9 -27.16 23.36 8.69
CA ALA B 9 -26.83 23.83 10.03
C ALA B 9 -27.90 23.38 11.04
N LYS B 10 -29.19 23.48 10.71
CA LYS B 10 -30.21 23.01 11.65
C LYS B 10 -30.05 21.52 11.98
N GLN B 11 -29.69 20.69 10.99
CA GLN B 11 -29.45 19.28 11.26
C GLN B 11 -28.16 19.03 12.08
N ILE B 12 -27.08 19.80 11.84
CA ILE B 12 -25.90 19.55 12.67
C ILE B 12 -26.19 19.97 14.11
N LYS B 13 -26.90 21.11 14.27
CA LYS B 13 -27.25 21.58 15.60
C LYS B 13 -28.10 20.53 16.37
N LYS B 14 -29.01 19.88 15.69
CA LYS B 14 -29.87 18.91 16.32
C LYS B 14 -29.02 17.72 16.77
N LEU B 15 -28.10 17.33 15.89
CA LEU B 15 -27.27 16.16 16.18
C LEU B 15 -26.31 16.43 17.33
N GLU B 16 -25.79 17.66 17.47
CA GLU B 16 -24.86 17.87 18.58
C GLU B 16 -25.67 17.89 19.88
N GLU B 17 -26.91 18.34 19.79
CA GLU B 17 -27.79 18.32 20.95
C GLU B 17 -28.27 16.92 21.34
N ASP B 18 -28.55 16.05 20.36
CA ASP B 18 -29.03 14.71 20.65
C ASP B 18 -28.00 13.89 21.46
N PHE B 19 -26.67 14.12 21.21
CA PHE B 19 -25.65 13.40 21.95
C PHE B 19 -24.97 14.31 22.98
N ASP B 20 -25.59 15.45 23.32
CA ASP B 20 -25.06 16.38 24.31
C ASP B 20 -23.56 16.74 24.09
N GLY B 21 -23.25 17.33 22.93
CA GLY B 21 -21.86 17.60 22.61
C GLY B 21 -21.72 18.71 21.58
N ARG B 22 -20.54 18.71 20.97
CA ARG B 22 -20.21 19.74 20.00
C ARG B 22 -19.64 19.14 18.72
N ILE B 23 -20.17 19.63 17.58
CA ILE B 23 -19.76 19.20 16.26
C ILE B 23 -19.28 20.37 15.37
N GLY B 24 -18.11 20.16 14.77
CA GLY B 24 -17.51 21.14 13.90
C GLY B 24 -17.27 20.46 12.56
N VAL B 25 -17.77 21.08 11.47
CA VAL B 25 -17.67 20.55 10.12
C VAL B 25 -17.16 21.62 9.16
N PHE B 26 -16.34 21.17 8.21
CA PHE B 26 -16.04 21.94 7.02
C PHE B 26 -15.95 20.98 5.84
N ALA B 27 -16.65 21.30 4.74
CA ALA B 27 -16.55 20.41 3.59
C ALA B 27 -16.48 21.24 2.31
N ILE B 28 -15.72 20.74 1.35
CA ILE B 28 -15.46 21.50 0.16
C ILE B 28 -15.82 20.56 -0.99
N ASP B 29 -16.55 21.05 -2.01
CA ASP B 29 -16.61 20.32 -3.28
C ASP B 29 -15.59 20.96 -4.21
N THR B 30 -14.50 20.25 -4.52
CA THR B 30 -13.36 20.81 -5.24
C THR B 30 -13.69 20.93 -6.73
N GLY B 31 -14.89 20.54 -7.20
CA GLY B 31 -15.28 20.83 -8.60
C GLY B 31 -15.97 22.19 -8.76
N SER B 32 -16.99 22.43 -7.94
CA SER B 32 -17.82 23.62 -7.97
C SER B 32 -17.21 24.77 -7.13
N GLY B 33 -16.38 24.43 -6.14
CA GLY B 33 -15.88 25.38 -5.15
C GLY B 33 -16.84 25.54 -3.95
N ASN B 34 -17.97 24.80 -3.93
CA ASN B 34 -18.99 25.08 -2.94
C ASN B 34 -18.55 24.56 -1.59
N THR B 35 -18.95 25.26 -0.52
CA THR B 35 -18.40 24.95 0.79
C THR B 35 -19.56 24.90 1.78
N PHE B 36 -19.40 24.20 2.92
CA PHE B 36 -20.36 24.25 4.02
C PHE B 36 -19.55 24.19 5.29
N GLY B 37 -19.85 25.06 6.25
CA GLY B 37 -19.17 25.03 7.54
C GLY B 37 -20.18 25.11 8.67
N TYR B 38 -19.92 24.38 9.77
CA TYR B 38 -20.67 24.56 10.99
C TYR B 38 -19.62 24.54 12.11
N ARG B 39 -19.62 25.56 12.97
CA ARG B 39 -18.58 25.77 13.93
C ARG B 39 -17.19 25.63 13.29
N SER B 40 -17.00 26.13 12.06
CA SER B 40 -15.77 25.72 11.36
C SER B 40 -14.55 26.54 11.77
N ASP B 41 -14.74 27.61 12.57
CA ASP B 41 -13.64 28.39 13.10
C ASP B 41 -13.38 28.08 14.57
N GLU B 42 -14.17 27.22 15.22
CA GLU B 42 -13.89 26.93 16.62
C GLU B 42 -12.86 25.80 16.73
N ARG B 43 -12.19 25.70 17.87
CA ARG B 43 -11.06 24.83 18.08
C ARG B 43 -11.52 23.47 18.60
N PHE B 44 -10.86 22.40 18.15
CA PHE B 44 -11.23 21.06 18.59
C PHE B 44 -9.89 20.37 18.77
N PRO B 45 -9.75 19.44 19.74
CA PRO B 45 -8.54 18.65 19.84
C PRO B 45 -8.25 17.83 18.57
N LEU B 46 -6.96 17.67 18.24
CA LEU B 46 -6.61 16.96 17.03
C LEU B 46 -6.60 15.44 17.30
N CYS B 47 -6.28 15.06 18.53
CA CYS B 47 -5.97 13.67 18.83
C CYS B 47 -4.97 13.12 17.79
N SER B 48 -5.08 11.82 17.49
CA SER B 48 -4.39 11.13 16.41
C SER B 48 -4.50 11.75 15.01
N SER B 49 -5.48 12.61 14.73
CA SER B 49 -5.67 13.13 13.36
C SER B 49 -4.44 13.91 12.83
N PHE B 50 -3.62 14.51 13.73
CA PHE B 50 -2.45 15.25 13.27
C PHE B 50 -1.43 14.29 12.64
N LYS B 51 -1.55 12.98 12.95
CA LYS B 51 -0.57 12.06 12.36
C LYS B 51 -0.66 12.06 10.83
N GLY B 52 -1.84 12.32 10.29
CA GLY B 52 -1.92 12.34 8.83
C GLY B 52 -1.09 13.48 8.19
N PHE B 53 -0.87 14.56 8.96
CA PHE B 53 -0.15 15.71 8.46
C PHE B 53 1.32 15.45 8.74
N LEU B 54 1.62 14.75 9.85
CA LEU B 54 2.99 14.32 10.14
C LEU B 54 3.56 13.48 8.99
N ALA B 55 2.75 12.55 8.48
CA ALA B 55 3.16 11.78 7.32
C ALA B 55 3.49 12.70 6.14
N ALA B 56 2.69 13.76 5.93
CA ALA B 56 2.89 14.62 4.77
C ALA B 56 4.18 15.43 4.95
N ALA B 57 4.47 15.84 6.21
CA ALA B 57 5.72 16.50 6.57
C ALA B 57 6.92 15.64 6.24
N VAL B 58 6.89 14.34 6.59
CA VAL B 58 8.00 13.48 6.19
C VAL B 58 8.16 13.46 4.66
N LEU B 59 7.07 13.27 3.90
CA LEU B 59 7.19 13.15 2.45
C LEU B 59 7.74 14.46 1.87
N GLU B 60 7.40 15.57 2.53
CA GLU B 60 7.94 16.83 2.08
C GLU B 60 9.48 16.85 2.22
N ARG B 61 10.00 16.42 3.38
CA ARG B 61 11.42 16.23 3.61
C ARG B 61 12.02 15.33 2.55
N VAL B 62 11.41 14.17 2.33
CA VAL B 62 11.80 13.23 1.30
C VAL B 62 11.93 13.84 -0.10
N GLN B 63 10.91 14.55 -0.53
CA GLN B 63 10.93 15.15 -1.86
C GLN B 63 12.00 16.25 -1.98
N GLN B 64 12.41 16.89 -0.87
CA GLN B 64 13.53 17.86 -0.93
C GLN B 64 14.89 17.17 -0.76
N LYS B 65 14.88 15.85 -0.66
CA LYS B 65 16.13 15.09 -0.55
C LYS B 65 16.80 15.29 0.82
N LYS B 66 16.07 15.78 1.83
CA LYS B 66 16.70 15.91 3.13
C LYS B 66 16.58 14.58 3.88
N LEU B 67 15.71 13.67 3.42
CA LEU B 67 15.57 12.33 3.99
C LEU B 67 15.28 11.38 2.83
N ASP B 68 15.56 10.12 3.10
CA ASP B 68 15.35 9.03 2.15
C ASP B 68 14.20 8.15 2.67
N ILE B 69 13.22 7.89 1.81
CA ILE B 69 12.05 7.09 2.19
C ILE B 69 12.45 5.66 2.57
N ASN B 70 13.61 5.16 2.09
CA ASN B 70 14.07 3.80 2.36
C ASN B 70 15.11 3.72 3.50
N GLN B 71 15.43 4.84 4.18
CA GLN B 71 16.44 4.74 5.21
C GLN B 71 15.87 3.92 6.39
N LYS B 72 16.73 3.11 6.98
CA LYS B 72 16.36 2.30 8.12
C LYS B 72 16.27 3.24 9.32
N VAL B 73 15.14 3.19 10.03
CA VAL B 73 15.02 3.81 11.33
C VAL B 73 15.06 2.71 12.40
N LYS B 74 16.07 2.75 13.27
CA LYS B 74 16.29 1.73 14.29
C LYS B 74 15.96 2.31 15.66
N TYR B 75 15.35 1.48 16.52
CA TYR B 75 14.83 1.89 17.80
C TYR B 75 14.82 0.69 18.73
N GLU B 76 15.90 -0.09 18.65
CA GLU B 76 16.10 -1.37 19.35
C GLU B 76 15.88 -1.21 20.85
N SER B 77 16.34 -0.10 21.45
CA SER B 77 16.33 0.04 22.90
C SER B 77 15.17 0.89 23.41
N ARG B 78 14.19 1.27 22.56
CA ARG B 78 13.14 2.20 22.95
C ARG B 78 12.05 1.50 23.76
N ASP B 79 11.62 2.17 24.82
CA ASP B 79 10.42 1.75 25.49
C ASP B 79 9.29 2.36 24.68
N LEU B 80 8.55 1.54 23.92
CA LEU B 80 7.53 1.97 22.97
C LEU B 80 6.29 2.44 23.72
N GLU B 81 5.72 3.58 23.26
CA GLU B 81 4.49 4.14 23.79
C GLU B 81 3.37 3.13 23.63
N TYR B 82 2.38 3.23 24.51
CA TYR B 82 1.13 2.51 24.33
C TYR B 82 0.58 2.87 22.97
N HIS B 83 -0.13 1.87 22.42
CA HIS B 83 -0.71 1.76 21.10
C HIS B 83 0.40 2.00 20.06
N SER B 84 1.37 1.07 20.01
CA SER B 84 2.42 1.03 19.00
C SER B 84 2.37 -0.30 18.26
N PRO B 85 1.21 -0.66 17.67
CA PRO B 85 1.05 -2.02 17.15
C PRO B 85 2.10 -2.39 16.10
N ILE B 86 2.47 -1.41 15.27
CA ILE B 86 3.26 -1.71 14.12
C ILE B 86 4.72 -1.62 14.56
N THR B 87 5.07 -0.50 15.20
CA THR B 87 6.45 -0.33 15.62
C THR B 87 6.83 -1.48 16.53
N THR B 88 5.89 -2.01 17.35
CA THR B 88 6.30 -3.06 18.26
C THR B 88 6.63 -4.33 17.50
N LYS B 89 5.95 -4.66 16.40
CA LYS B 89 6.31 -5.88 15.68
C LYS B 89 7.66 -5.80 14.94
N TYR B 90 8.21 -4.61 14.69
CA TYR B 90 9.43 -4.60 13.90
C TYR B 90 10.59 -4.05 14.73
N LYS B 91 10.41 -4.01 16.06
CA LYS B 91 11.37 -3.46 16.99
C LYS B 91 12.75 -4.08 16.81
N GLY B 92 12.84 -5.40 16.56
CA GLY B 92 14.14 -6.03 16.41
C GLY B 92 14.85 -5.64 15.11
N SER B 93 14.10 -5.47 13.99
CA SER B 93 14.70 -5.24 12.69
C SER B 93 14.77 -3.75 12.29
N GLY B 94 13.99 -2.87 12.93
CA GLY B 94 13.85 -1.48 12.46
C GLY B 94 12.81 -1.41 11.34
N MET B 95 12.50 -0.17 10.94
CA MET B 95 11.55 0.11 9.85
C MET B 95 12.10 1.15 8.88
N THR B 96 11.73 1.08 7.59
CA THR B 96 12.08 2.18 6.70
C THR B 96 11.34 3.43 7.16
N LEU B 97 11.91 4.61 6.83
CA LEU B 97 11.30 5.87 7.18
C LEU B 97 9.86 5.92 6.65
N GLY B 98 9.63 5.48 5.39
CA GLY B 98 8.31 5.54 4.79
C GLY B 98 7.30 4.59 5.47
N ASP B 99 7.75 3.38 5.81
CA ASP B 99 6.91 2.43 6.49
C ASP B 99 6.54 2.99 7.84
N MET B 100 7.49 3.63 8.53
CA MET B 100 7.19 4.15 9.86
C MET B 100 6.19 5.33 9.77
N ALA B 101 6.32 6.20 8.75
CA ALA B 101 5.44 7.36 8.65
C ALA B 101 4.02 6.88 8.28
N SER B 102 3.95 5.85 7.42
CA SER B 102 2.66 5.38 6.97
C SER B 102 1.95 4.54 8.06
N ALA B 103 2.70 3.84 8.93
CA ALA B 103 2.19 3.29 10.18
C ALA B 103 1.64 4.37 11.11
N ALA B 104 2.38 5.47 11.28
CA ALA B 104 1.82 6.59 12.03
C ALA B 104 0.42 6.94 11.49
N LEU B 105 0.32 7.01 10.16
CA LEU B 105 -0.89 7.47 9.52
C LEU B 105 -1.97 6.36 9.63
N GLN B 106 -1.64 5.13 9.23
CA GLN B 106 -2.71 4.19 8.91
C GLN B 106 -3.11 3.30 10.09
N TYR B 107 -2.22 3.25 11.11
CA TYR B 107 -2.58 2.51 12.30
C TYR B 107 -2.54 3.44 13.50
N SER B 108 -2.23 4.74 13.28
CA SER B 108 -2.11 5.66 14.39
C SER B 108 -1.03 5.23 15.41
N ASP B 109 0.03 4.55 14.95
CA ASP B 109 1.12 4.10 15.82
C ASP B 109 1.77 5.25 16.61
N ASN B 110 1.69 5.20 17.95
CA ASN B 110 2.26 6.25 18.77
C ASN B 110 3.79 6.30 18.71
N GLY B 111 4.45 5.16 18.81
CA GLY B 111 5.91 5.11 18.74
C GLY B 111 6.41 5.76 17.45
N ALA B 112 5.74 5.45 16.29
CA ALA B 112 6.14 5.92 14.98
C ALA B 112 6.08 7.44 15.04
N THR B 113 4.94 7.87 15.62
CA THR B 113 4.67 9.28 15.75
C THR B 113 5.80 9.92 16.56
N ASN B 114 6.04 9.44 17.78
CA ASN B 114 7.01 10.17 18.60
C ASN B 114 8.42 10.03 18.06
N ILE B 115 8.75 8.88 17.49
CA ILE B 115 10.09 8.69 16.94
C ILE B 115 10.33 9.71 15.82
N ILE B 116 9.34 9.91 14.97
CA ILE B 116 9.52 10.77 13.84
C ILE B 116 9.63 12.24 14.28
N MET B 117 8.85 12.64 15.29
CA MET B 117 8.93 13.98 15.78
C MET B 117 10.27 14.24 16.46
N GLU B 118 10.87 13.24 17.11
CA GLU B 118 12.11 13.50 17.82
C GLU B 118 13.24 13.59 16.81
N ARG B 119 13.15 12.78 15.73
CA ARG B 119 14.35 12.60 14.93
C ARG B 119 14.30 13.45 13.66
N PHE B 120 13.11 13.62 13.07
CA PHE B 120 13.07 14.11 11.69
C PHE B 120 12.37 15.46 11.59
N LEU B 121 11.47 15.75 12.52
CA LEU B 121 10.54 16.87 12.33
C LEU B 121 10.77 17.98 13.35
N GLY B 122 11.73 17.81 14.29
CA GLY B 122 11.94 18.84 15.32
C GLY B 122 10.74 19.05 16.26
N GLY B 123 10.06 17.97 16.65
CA GLY B 123 9.14 18.03 17.77
C GLY B 123 7.76 18.60 17.39
N PRO B 124 6.88 18.83 18.40
CA PRO B 124 5.64 19.59 18.24
C PRO B 124 5.79 20.98 17.64
N GLU B 125 6.84 21.70 18.03
CA GLU B 125 7.14 23.02 17.44
C GLU B 125 7.39 22.87 15.93
N GLY B 126 8.18 21.84 15.55
CA GLY B 126 8.57 21.63 14.16
C GLY B 126 7.36 21.18 13.36
N MET B 127 6.50 20.38 13.99
CA MET B 127 5.25 19.95 13.36
C MET B 127 4.38 21.18 13.11
N THR B 128 4.26 22.04 14.11
CA THR B 128 3.46 23.26 13.96
C THR B 128 4.06 24.16 12.86
N LYS B 129 5.40 24.16 12.67
CA LYS B 129 6.05 25.06 11.74
C LYS B 129 5.79 24.54 10.33
N PHE B 130 5.78 23.21 10.15
CA PHE B 130 5.41 22.63 8.87
C PHE B 130 4.03 23.16 8.45
N MET B 131 3.08 23.18 9.38
CA MET B 131 1.74 23.64 9.02
C MET B 131 1.76 25.15 8.66
N ARG B 132 2.46 26.00 9.46
CA ARG B 132 2.57 27.43 9.13
C ARG B 132 3.12 27.55 7.72
N SER B 133 4.16 26.79 7.43
CA SER B 133 4.74 26.76 6.09
C SER B 133 3.73 26.41 4.99
N ILE B 134 2.62 25.71 5.24
CA ILE B 134 1.75 25.52 4.09
C ILE B 134 0.60 26.52 4.21
N GLY B 135 0.66 27.39 5.24
CA GLY B 135 -0.25 28.52 5.29
C GLY B 135 -1.43 28.28 6.22
N ASP B 136 -1.31 27.24 7.08
CA ASP B 136 -2.28 26.93 8.12
C ASP B 136 -1.89 27.68 9.41
N ASN B 137 -2.69 28.69 9.76
CA ASN B 137 -2.39 29.55 10.91
C ASN B 137 -3.12 29.08 12.18
N GLU B 138 -4.05 28.10 12.07
CA GLU B 138 -4.81 27.68 13.25
C GLU B 138 -4.17 26.47 13.97
N PHE B 139 -3.59 25.52 13.24
CA PHE B 139 -3.04 24.29 13.79
C PHE B 139 -1.97 24.58 14.84
N ARG B 140 -2.07 23.92 16.02
CA ARG B 140 -0.97 23.93 16.98
C ARG B 140 -0.84 22.58 17.67
N LEU B 141 0.39 22.05 17.68
CA LEU B 141 0.69 20.85 18.44
C LEU B 141 1.69 21.32 19.48
N ASP B 142 1.40 21.06 20.75
CA ASP B 142 2.20 21.59 21.83
C ASP B 142 2.87 20.46 22.58
N ARG B 143 2.27 19.25 22.53
CA ARG B 143 2.74 18.19 23.41
C ARG B 143 3.05 16.95 22.56
N TRP B 144 3.64 15.90 23.18
CA TRP B 144 4.00 14.63 22.54
C TRP B 144 2.89 13.59 22.80
N GLU B 145 2.96 12.42 22.13
CA GLU B 145 2.08 11.33 22.51
C GLU B 145 2.50 10.94 23.93
N LEU B 146 1.57 10.70 24.86
CA LEU B 146 0.14 10.56 24.61
C LEU B 146 -0.54 11.71 25.35
N GLU B 147 0.29 12.59 25.95
CA GLU B 147 -0.15 13.74 26.72
CA GLU B 147 -0.23 13.69 26.75
CA GLU B 147 -0.21 13.71 26.74
C GLU B 147 -1.04 14.66 25.87
N LEU B 148 -0.87 14.60 24.54
CA LEU B 148 -1.57 15.58 23.69
C LEU B 148 -3.07 15.24 23.55
N ASN B 149 -3.44 14.08 24.10
CA ASN B 149 -4.80 13.59 23.94
C ASN B 149 -5.71 14.00 25.09
N THR B 150 -5.36 14.99 25.92
CA THR B 150 -6.16 15.20 27.12
C THR B 150 -7.53 15.80 26.81
N ALA B 151 -7.70 16.55 25.73
CA ALA B 151 -9.03 16.94 25.25
C ALA B 151 -9.84 17.77 26.26
N ILE B 152 -9.13 18.55 27.07
CA ILE B 152 -9.74 19.29 28.17
C ILE B 152 -10.49 20.47 27.59
N PRO B 153 -11.79 20.64 27.93
CA PRO B 153 -12.63 21.69 27.37
C PRO B 153 -11.96 23.04 27.63
N GLY B 154 -11.83 23.91 26.61
CA GLY B 154 -11.23 25.20 26.88
C GLY B 154 -9.74 25.31 26.56
N ASP B 155 -9.00 24.19 26.59
CA ASP B 155 -7.56 24.14 26.36
C ASP B 155 -7.30 24.17 24.85
N LYS B 156 -6.38 25.08 24.42
CA LYS B 156 -5.99 25.37 23.05
C LYS B 156 -4.87 24.43 22.59
N ARG B 157 -4.19 23.80 23.55
CA ARG B 157 -3.07 22.92 23.24
C ARG B 157 -3.55 21.81 22.31
N ASP B 158 -2.80 21.60 21.21
CA ASP B 158 -3.01 20.44 20.39
C ASP B 158 -4.42 20.45 19.83
N THR B 159 -4.78 21.61 19.24
CA THR B 159 -6.06 21.85 18.59
C THR B 159 -5.85 22.42 17.19
N SER B 160 -6.93 22.36 16.40
CA SER B 160 -7.03 23.12 15.19
C SER B 160 -8.51 23.44 15.04
N THR B 161 -8.94 23.89 13.83
CA THR B 161 -10.34 24.14 13.52
C THR B 161 -10.66 23.23 12.35
N PRO B 162 -11.95 22.83 12.18
CA PRO B 162 -12.38 22.00 11.04
C PRO B 162 -12.04 22.56 9.65
N LYS B 163 -12.07 23.89 9.53
CA LYS B 163 -11.84 24.62 8.27
C LYS B 163 -10.37 24.59 7.92
N ALA B 164 -9.50 24.86 8.92
CA ALA B 164 -8.06 24.85 8.71
C ALA B 164 -7.67 23.41 8.44
N VAL B 165 -8.37 22.46 9.07
CA VAL B 165 -8.03 21.06 8.80
C VAL B 165 -8.34 20.73 7.35
N ALA B 166 -9.55 21.06 6.90
CA ALA B 166 -9.98 20.81 5.54
C ALA B 166 -9.04 21.49 4.53
N ASN B 167 -8.67 22.77 4.79
CA ASN B 167 -7.88 23.53 3.83
C ASN B 167 -6.52 22.88 3.71
N SER B 168 -5.94 22.50 4.86
CA SER B 168 -4.61 21.89 4.84
C SER B 168 -4.63 20.59 4.03
N LEU B 169 -5.66 19.77 4.23
CA LEU B 169 -5.75 18.46 3.61
C LEU B 169 -5.85 18.72 2.11
N ASN B 170 -6.64 19.71 1.76
CA ASN B 170 -6.84 19.97 0.33
C ASN B 170 -5.51 20.38 -0.34
N LYS B 171 -4.72 21.25 0.33
CA LYS B 171 -3.44 21.64 -0.24
C LYS B 171 -2.51 20.42 -0.33
N LEU B 172 -2.59 19.52 0.67
CA LEU B 172 -1.60 18.47 0.78
C LEU B 172 -1.98 17.26 -0.07
N ALA B 173 -3.28 16.92 -0.10
CA ALA B 173 -3.68 15.72 -0.81
C ALA B 173 -3.94 15.99 -2.27
N LEU B 174 -4.27 17.27 -2.61
CA LEU B 174 -4.84 17.63 -3.91
C LEU B 174 -4.03 18.76 -4.56
N GLY B 175 -3.41 19.62 -3.77
CA GLY B 175 -2.80 20.81 -4.34
C GLY B 175 -1.32 20.53 -4.59
N ASN B 176 -0.50 21.57 -4.31
CA ASN B 176 0.82 21.76 -4.88
C ASN B 176 1.97 21.65 -3.92
N VAL B 177 1.73 21.28 -2.68
CA VAL B 177 2.80 21.18 -1.69
C VAL B 177 3.73 20.04 -2.06
N LEU B 178 3.13 18.93 -2.52
CA LEU B 178 3.78 17.67 -2.86
C LEU B 178 3.76 17.57 -4.38
N ASN B 179 4.81 17.02 -5.00
CA ASN B 179 4.91 16.90 -6.45
C ASN B 179 4.18 15.62 -6.82
N ALA B 180 4.00 15.35 -8.12
CA ALA B 180 3.00 14.37 -8.57
C ALA B 180 3.23 12.97 -7.96
N LYS B 181 4.52 12.61 -7.80
CA LYS B 181 4.99 11.31 -7.37
C LYS B 181 4.80 11.09 -5.87
N VAL B 182 5.13 12.11 -5.06
CA VAL B 182 5.05 12.01 -3.61
C VAL B 182 3.62 12.33 -3.19
N LYS B 183 2.91 13.19 -3.93
CA LYS B 183 1.47 13.30 -3.69
C LYS B 183 0.78 11.94 -3.83
N ALA B 184 1.16 11.14 -4.83
CA ALA B 184 0.45 9.91 -5.10
C ALA B 184 0.70 8.91 -3.95
N ILE B 185 1.87 9.04 -3.33
CA ILE B 185 2.24 8.19 -2.22
C ILE B 185 1.38 8.54 -1.02
N TYR B 186 1.21 9.86 -0.83
CA TYR B 186 0.38 10.32 0.26
C TYR B 186 -1.06 9.85 0.07
N GLN B 187 -1.58 10.05 -1.15
CA GLN B 187 -2.93 9.60 -1.47
C GLN B 187 -3.10 8.12 -1.11
N ASN B 188 -2.14 7.24 -1.47
CA ASN B 188 -2.36 5.80 -1.26
C ASN B 188 -2.30 5.49 0.22
N TRP B 189 -1.46 6.24 0.92
CA TRP B 189 -1.38 6.06 2.36
C TRP B 189 -2.73 6.34 2.97
N LEU B 190 -3.29 7.53 2.68
CA LEU B 190 -4.63 7.85 3.17
C LEU B 190 -5.68 6.82 2.74
N LYS B 191 -5.62 6.32 1.50
CA LYS B 191 -6.64 5.39 1.01
C LYS B 191 -6.51 4.05 1.77
N GLY B 192 -5.28 3.72 2.25
CA GLY B 192 -5.12 2.48 3.01
C GLY B 192 -5.25 2.71 4.51
N ASN B 193 -5.87 3.80 4.97
CA ASN B 193 -5.97 4.01 6.41
C ASN B 193 -6.88 2.93 6.98
N THR B 194 -6.67 2.51 8.25
CA THR B 194 -7.41 1.30 8.71
C THR B 194 -8.44 1.56 9.80
N THR B 195 -8.52 2.77 10.34
CA THR B 195 -9.24 3.05 11.58
C THR B 195 -10.49 3.86 11.30
N GLY B 196 -10.88 4.03 10.03
CA GLY B 196 -11.87 5.03 9.65
C GLY B 196 -13.15 4.45 9.05
N ASP B 197 -13.31 3.10 9.10
CA ASP B 197 -14.46 2.41 8.52
C ASP B 197 -15.82 2.92 9.00
N ALA B 198 -15.95 3.28 10.29
CA ALA B 198 -17.24 3.60 10.89
C ALA B 198 -17.53 5.12 10.78
N ARG B 199 -16.64 5.88 10.11
CA ARG B 199 -16.76 7.33 10.23
C ARG B 199 -17.07 7.91 8.85
N ILE B 200 -16.19 8.73 8.28
CA ILE B 200 -16.58 9.34 7.02
C ILE B 200 -16.84 8.26 5.97
N ARG B 201 -16.06 7.19 6.02
CA ARG B 201 -16.22 6.13 5.02
C ARG B 201 -17.61 5.51 5.07
N ALA B 202 -18.26 5.51 6.23
CA ALA B 202 -19.57 4.89 6.38
C ALA B 202 -20.66 5.76 5.77
N SER B 203 -20.32 6.99 5.40
CA SER B 203 -21.28 8.01 4.99
C SER B 203 -21.43 8.07 3.47
N VAL B 204 -20.66 7.24 2.75
CA VAL B 204 -20.60 7.37 1.30
C VAL B 204 -20.78 5.98 0.69
N PRO B 205 -21.22 5.89 -0.59
CA PRO B 205 -21.29 4.59 -1.26
C PRO B 205 -19.98 3.80 -1.30
N ALA B 206 -20.20 2.51 -1.01
CA ALA B 206 -19.27 1.40 -1.16
C ALA B 206 -18.26 1.67 -2.30
N ASP B 207 -18.69 2.30 -3.41
CA ASP B 207 -17.80 2.33 -4.57
C ASP B 207 -17.05 3.66 -4.75
N TRP B 208 -17.23 4.62 -3.82
CA TRP B 208 -16.43 5.84 -3.89
C TRP B 208 -15.10 5.57 -3.21
N VAL B 209 -14.06 6.22 -3.67
CA VAL B 209 -12.78 5.94 -3.06
C VAL B 209 -12.54 7.01 -2.00
N VAL B 210 -12.07 6.58 -0.83
CA VAL B 210 -11.92 7.48 0.29
C VAL B 210 -10.54 7.25 0.87
N GLY B 211 -9.86 8.35 1.23
CA GLY B 211 -8.66 8.30 2.04
C GLY B 211 -8.95 9.18 3.25
N ASP B 212 -8.51 8.75 4.44
CA ASP B 212 -8.90 9.46 5.66
C ASP B 212 -7.86 9.29 6.79
N LYS B 213 -8.00 10.07 7.85
CA LYS B 213 -7.25 9.80 9.05
C LYS B 213 -8.19 10.16 10.18
N THR B 214 -8.36 9.27 11.17
CA THR B 214 -9.22 9.57 12.29
C THR B 214 -8.36 9.98 13.47
N GLY B 215 -9.05 10.46 14.52
CA GLY B 215 -8.50 10.70 15.86
C GLY B 215 -9.53 10.31 16.93
N SER B 216 -9.04 9.75 18.07
CA SER B 216 -9.88 9.39 19.21
C SER B 216 -9.10 9.62 20.52
N CYS B 217 -9.29 10.79 21.12
CA CYS B 217 -8.57 11.20 22.31
C CYS B 217 -8.76 10.17 23.43
N GLY B 218 -9.98 9.63 23.58
CA GLY B 218 -10.29 8.75 24.70
C GLY B 218 -10.71 9.52 25.96
N ALA B 219 -10.99 10.81 25.81
CA ALA B 219 -11.43 11.65 26.90
C ALA B 219 -12.40 12.67 26.31
N TYR B 220 -13.43 13.01 27.09
CA TYR B 220 -14.41 13.98 26.63
C TYR B 220 -15.09 13.54 25.35
N GLY B 221 -15.25 12.23 25.13
CA GLY B 221 -15.97 11.78 23.93
C GLY B 221 -15.50 12.48 22.64
N THR B 222 -14.21 12.80 22.55
CA THR B 222 -13.59 13.59 21.50
C THR B 222 -13.04 12.66 20.43
N ALA B 223 -13.63 12.73 19.24
CA ALA B 223 -13.17 11.93 18.11
C ALA B 223 -13.31 12.79 16.84
N ASN B 224 -12.59 12.44 15.76
CA ASN B 224 -12.71 13.25 14.57
C ASN B 224 -12.35 12.44 13.34
N ASP B 225 -12.58 13.01 12.15
CA ASP B 225 -12.15 12.30 10.96
C ASP B 225 -11.96 13.37 9.88
N TYR B 226 -10.95 13.24 9.02
CA TYR B 226 -10.92 14.05 7.82
C TYR B 226 -10.64 13.18 6.62
N ALA B 227 -11.20 13.59 5.46
CA ALA B 227 -11.15 12.73 4.30
C ALA B 227 -11.12 13.50 2.98
N VAL B 228 -10.41 12.92 2.00
CA VAL B 228 -10.52 13.17 0.58
C VAL B 228 -11.35 12.03 -0.01
N ILE B 229 -12.38 12.41 -0.78
CA ILE B 229 -13.31 11.43 -1.31
C ILE B 229 -13.36 11.65 -2.82
N TRP B 230 -13.15 10.58 -3.59
CA TRP B 230 -13.27 10.54 -5.04
C TRP B 230 -14.61 9.91 -5.41
N PRO B 231 -15.70 10.69 -5.62
CA PRO B 231 -16.98 10.08 -5.95
C PRO B 231 -16.79 9.61 -7.39
N LYS B 232 -17.57 8.63 -7.81
CA LYS B 232 -17.62 8.15 -9.20
C LYS B 232 -17.81 9.31 -10.16
N ASN B 233 -16.94 9.31 -11.18
CA ASN B 233 -16.96 10.28 -12.26
C ASN B 233 -17.25 11.69 -11.74
N ARG B 234 -16.66 12.11 -10.62
CA ARG B 234 -16.88 13.49 -10.20
C ARG B 234 -15.56 14.00 -9.62
N ALA B 235 -15.48 15.32 -9.34
CA ALA B 235 -14.27 15.86 -8.74
C ALA B 235 -14.25 15.50 -7.25
N PRO B 236 -13.07 15.29 -6.61
CA PRO B 236 -12.99 15.11 -5.15
C PRO B 236 -13.75 16.09 -4.23
N LEU B 237 -14.11 15.60 -3.04
CA LEU B 237 -14.69 16.36 -1.93
C LEU B 237 -13.68 16.32 -0.78
N ILE B 238 -13.64 17.36 0.06
CA ILE B 238 -12.90 17.33 1.30
C ILE B 238 -13.93 17.49 2.40
N VAL B 239 -13.78 16.68 3.44
CA VAL B 239 -14.69 16.61 4.57
C VAL B 239 -13.83 16.52 5.83
N SER B 240 -14.19 17.33 6.81
CA SER B 240 -13.44 17.45 8.02
C SER B 240 -14.49 17.55 9.13
N ILE B 241 -14.54 16.58 10.07
CA ILE B 241 -15.53 16.48 11.15
C ILE B 241 -14.81 16.27 12.50
N TYR B 242 -15.10 17.18 13.45
CA TYR B 242 -14.45 17.20 14.76
C TYR B 242 -15.58 17.19 15.77
N THR B 243 -15.46 16.43 16.85
CA THR B 243 -16.54 16.36 17.85
C THR B 243 -15.89 16.26 19.22
N THR B 244 -16.56 16.83 20.23
CA THR B 244 -16.26 16.64 21.64
C THR B 244 -17.59 16.49 22.39
N ARG B 245 -17.50 16.15 23.68
CA ARG B 245 -18.68 15.87 24.49
C ARG B 245 -18.53 16.50 25.87
N LYS B 246 -19.62 16.63 26.62
CA LYS B 246 -19.64 17.47 27.82
C LYS B 246 -18.74 16.88 28.88
N SER B 247 -18.75 15.56 29.07
CA SER B 247 -18.19 14.96 30.28
C SER B 247 -16.96 14.11 29.96
N LYS B 248 -16.09 14.05 30.97
CA LYS B 248 -14.82 13.38 30.89
C LYS B 248 -14.97 11.92 30.46
N ASP B 249 -16.01 11.26 30.95
CA ASP B 249 -16.16 9.81 30.78
C ASP B 249 -17.03 9.46 29.58
N ASP B 250 -17.48 10.48 28.84
CA ASP B 250 -18.34 10.26 27.69
C ASP B 250 -17.51 9.52 26.65
N LYS B 251 -18.15 8.54 26.01
CA LYS B 251 -17.50 7.83 24.91
C LYS B 251 -17.71 8.61 23.61
N HIS B 252 -16.76 8.46 22.66
CA HIS B 252 -16.98 9.07 21.36
C HIS B 252 -18.15 8.39 20.64
N SER B 253 -18.64 9.04 19.54
CA SER B 253 -19.75 8.51 18.78
C SER B 253 -19.42 8.45 17.28
N ASP B 254 -18.99 7.26 16.78
CA ASP B 254 -18.71 7.06 15.37
C ASP B 254 -19.93 7.46 14.53
N LYS B 255 -21.10 7.10 15.01
CA LYS B 255 -22.31 7.27 14.21
C LYS B 255 -22.58 8.77 14.06
N THR B 256 -22.31 9.55 15.12
CA THR B 256 -22.49 10.98 15.07
C THR B 256 -21.62 11.57 13.95
N ILE B 257 -20.39 11.05 13.81
CA ILE B 257 -19.43 11.63 12.87
C ILE B 257 -19.90 11.21 11.49
N ALA B 258 -20.35 9.96 11.36
CA ALA B 258 -20.78 9.48 10.07
C ALA B 258 -22.01 10.23 9.56
N GLU B 259 -22.93 10.55 10.48
CA GLU B 259 -24.11 11.35 10.17
C GLU B 259 -23.68 12.80 9.87
N ALA B 260 -22.84 13.41 10.69
CA ALA B 260 -22.36 14.76 10.42
C ALA B 260 -21.76 14.84 8.99
N SER B 261 -20.99 13.82 8.58
CA SER B 261 -20.49 13.62 7.23
C SER B 261 -21.63 13.54 6.19
N ARG B 262 -22.65 12.68 6.40
CA ARG B 262 -23.77 12.59 5.44
CA ARG B 262 -23.77 12.61 5.45
C ARG B 262 -24.32 14.01 5.19
N ILE B 263 -24.55 14.77 6.27
CA ILE B 263 -25.13 16.10 6.17
C ILE B 263 -24.28 17.14 5.39
N ALA B 264 -22.94 17.20 5.68
CA ALA B 264 -21.98 18.06 5.01
C ALA B 264 -21.93 17.74 3.52
N ILE B 265 -22.07 16.44 3.14
CA ILE B 265 -21.92 16.03 1.76
C ILE B 265 -23.15 16.46 0.95
N GLN B 266 -24.32 16.37 1.59
CA GLN B 266 -25.55 16.87 0.99
C GLN B 266 -25.47 18.39 0.82
N ALA B 267 -24.93 19.06 1.85
CA ALA B 267 -24.86 20.52 1.91
C ALA B 267 -24.09 21.15 0.73
N ILE B 268 -23.01 20.52 0.28
CA ILE B 268 -22.22 21.04 -0.84
C ILE B 268 -22.66 20.38 -2.13
N ASP B 269 -23.55 19.39 -2.08
CA ASP B 269 -23.92 18.63 -3.27
C ASP B 269 -24.49 19.58 -4.32
#